data_6BI9
#
_entry.id   6BI9
#
_cell.length_a   100.250
_cell.length_b   100.250
_cell.length_c   100.250
_cell.angle_alpha   90.00
_cell.angle_beta   90.00
_cell.angle_gamma   90.00
#
_symmetry.space_group_name_H-M   'P 21 3'
#
loop_
_entity.id
_entity.type
_entity.pdbx_description
1 polymer 'Purine nucleoside phosphorylase'
2 non-polymer 'DIMETHYL SULFOXIDE'
3 non-polymer '1,2,5-trimethyl-1H-pyrrole-3-carboxylic acid'
4 water water
#
_entity_poly.entity_id   1
_entity_poly.type   'polypeptide(L)'
_entity_poly.pdbx_seq_one_letter_code
;MTTPVVANYENASMAADYIKRVSNVLPDIGII(CME)GSGLGKLIEEIEERKVIPYINIPNFPKTTVAGHVGNLVLGSVG
GRKIVAMQGRLHMYEGYSNQEIALPIRVMKLLGVRVLLITNLAGGINRKLKSGDFVLIKGHINFPGLGLNNVLVGPNQDE
FGPRFPDLSNAYDRLLQQLALKIAQENDFQDLVHEGVYAFNGGPTYESPDESNMLLKLGCDVVGMSTVPEVIIACHCGIK
VLAVSLIANNSILDAENDVSINHEKVLAVAEKRADLLQMWFKEIITRLPLD
;
_entity_poly.pdbx_strand_id   A
#
loop_
_chem_comp.id
_chem_comp.type
_chem_comp.name
_chem_comp.formula
DMS non-polymer 'DIMETHYL SULFOXIDE' 'C2 H6 O S'
DS7 non-polymer '1,2,5-trimethyl-1H-pyrrole-3-carboxylic acid' 'C8 H11 N O2'
#
# COMPACT_ATOMS: atom_id res chain seq x y z
N VAL A 5 -18.32 12.63 3.88
CA VAL A 5 -18.03 13.14 2.52
C VAL A 5 -17.86 11.93 1.58
N VAL A 6 -18.59 11.91 0.47
CA VAL A 6 -18.51 10.81 -0.51
C VAL A 6 -17.31 11.03 -1.42
N ALA A 7 -16.65 9.93 -1.82
CA ALA A 7 -15.50 9.98 -2.75
C ALA A 7 -15.99 10.06 -4.22
N ASN A 8 -16.72 11.13 -4.52
CA ASN A 8 -17.26 11.37 -5.85
C ASN A 8 -16.38 12.34 -6.66
N TYR A 9 -16.76 12.49 -7.93
CA TYR A 9 -16.00 13.28 -8.89
C TYR A 9 -15.88 14.75 -8.47
N GLU A 10 -16.98 15.36 -8.04
CA GLU A 10 -16.96 16.78 -7.63
C GLU A 10 -16.04 17.01 -6.43
N ASN A 11 -16.15 16.14 -5.41
CA ASN A 11 -15.36 16.31 -4.19
C ASN A 11 -13.87 16.05 -4.43
N ALA A 12 -13.53 15.01 -5.20
CA ALA A 12 -12.13 14.76 -5.54
C ALA A 12 -11.55 15.90 -6.36
N SER A 13 -12.37 16.49 -7.25
CA SER A 13 -11.91 17.61 -8.06
C SER A 13 -11.57 18.83 -7.20
N MET A 14 -12.36 19.09 -6.16
CA MET A 14 -12.07 20.27 -5.33
C MET A 14 -10.74 20.10 -4.60
N ALA A 15 -10.45 18.88 -4.17
CA ALA A 15 -9.18 18.61 -3.50
C ALA A 15 -8.01 18.73 -4.47
N ALA A 16 -8.18 18.19 -5.69
CA ALA A 16 -7.12 18.28 -6.69
C ALA A 16 -6.85 19.72 -7.09
N ASP A 17 -7.88 20.56 -7.09
CA ASP A 17 -7.68 21.98 -7.41
C ASP A 17 -6.78 22.67 -6.39
N TYR A 18 -7.08 22.50 -5.09
CA TYR A 18 -6.24 23.06 -4.04
C TYR A 18 -4.80 22.60 -4.19
N ILE A 19 -4.60 21.30 -4.41
CA ILE A 19 -3.25 20.74 -4.49
C ILE A 19 -2.49 21.36 -5.66
N LYS A 20 -3.11 21.38 -6.83
CA LYS A 20 -2.44 21.93 -8.02
C LYS A 20 -2.01 23.37 -7.80
N ARG A 21 -2.88 24.18 -7.18
CA ARG A 21 -2.53 25.57 -6.94
C ARG A 21 -1.30 25.69 -6.05
N VAL A 22 -1.21 24.84 -5.03
CA VAL A 22 -0.19 25.00 -4.00
C VAL A 22 1.16 24.40 -4.43
N SER A 23 1.18 23.36 -5.26
CA SER A 23 2.39 22.56 -5.43
C SER A 23 3.10 22.75 -6.76
N ASN A 24 2.38 22.99 -7.85
CA ASN A 24 2.97 23.18 -9.16
C ASN A 24 3.50 21.89 -9.78
N VAL A 25 3.44 20.75 -9.09
CA VAL A 25 3.94 19.47 -9.59
C VAL A 25 2.80 18.70 -10.23
N LEU A 26 3.06 18.09 -11.39
CA LEU A 26 2.10 17.22 -12.05
C LEU A 26 2.61 15.79 -11.96
N PRO A 27 2.17 14.99 -10.99
CA PRO A 27 2.79 13.68 -10.76
C PRO A 27 2.25 12.60 -11.69
N ASP A 28 3.16 11.70 -12.08
CA ASP A 28 2.87 10.49 -12.83
C ASP A 28 2.81 9.25 -11.96
N ILE A 29 3.39 9.31 -10.77
CA ILE A 29 3.61 8.16 -9.90
C ILE A 29 3.15 8.51 -8.49
N GLY A 30 2.46 7.58 -7.84
CA GLY A 30 2.07 7.72 -6.46
C GLY A 30 2.73 6.66 -5.60
N ILE A 31 3.02 7.02 -4.33
CA ILE A 31 3.59 6.04 -3.41
C ILE A 31 2.88 6.07 -2.05
N ILE A 32 2.67 4.88 -1.49
CA ILE A 32 2.14 4.69 -0.13
C ILE A 32 3.10 3.76 0.59
N CME A 33 3.69 4.20 1.71
CA CME A 33 4.75 3.45 2.36
CB CME A 33 6.03 4.28 2.53
SG CME A 33 6.56 5.13 1.07
SD CME A 33 7.06 3.55 -0.22
CE CME A 33 8.82 3.61 -0.21
CZ CME A 33 9.43 2.29 0.19
OH CME A 33 8.77 1.90 1.38
C CME A 33 4.30 2.91 3.71
O CME A 33 3.61 3.56 4.53
HA CME A 33 4.98 2.56 1.69
HB2 CME A 33 6.85 3.62 2.91
HB3 CME A 33 5.87 5.10 3.28
HE2 CME A 33 9.05 4.39 0.57
HE3 CME A 33 9.24 3.95 -1.18
HZ2 CME A 33 10.53 2.41 0.38
HZ3 CME A 33 9.26 1.53 -0.62
HH CME A 33 9.24 2.30 2.11
N GLY A 34 4.73 1.69 4.00
CA GLY A 34 4.43 1.03 5.26
C GLY A 34 5.12 1.63 6.48
N SER A 35 4.75 1.16 7.66
CA SER A 35 5.23 1.79 8.89
C SER A 35 6.72 1.54 9.06
N GLY A 36 7.47 2.59 9.36
CA GLY A 36 8.92 2.50 9.43
C GLY A 36 9.60 2.47 8.07
N LEU A 37 8.84 2.49 6.97
CA LEU A 37 9.41 2.38 5.64
C LEU A 37 9.24 3.68 4.84
N GLY A 38 9.22 4.82 5.53
CA GLY A 38 8.90 6.09 4.91
C GLY A 38 10.07 7.02 4.65
N LYS A 39 11.30 6.56 4.82
CA LYS A 39 12.46 7.43 4.70
C LYS A 39 12.56 8.06 3.31
N LEU A 40 12.14 7.35 2.26
CA LEU A 40 12.25 7.90 0.90
C LEU A 40 11.50 9.22 0.76
N ILE A 41 10.34 9.33 1.42
CA ILE A 41 9.53 10.55 1.34
C ILE A 41 10.32 11.75 1.84
N GLU A 42 11.19 11.56 2.83
CA GLU A 42 11.98 12.67 3.35
C GLU A 42 13.08 13.11 2.38
N GLU A 43 13.32 12.36 1.31
CA GLU A 43 14.36 12.66 0.34
C GLU A 43 13.80 13.13 -1.00
N ILE A 44 12.47 13.28 -1.11
CA ILE A 44 11.90 13.87 -2.32
C ILE A 44 12.52 15.22 -2.56
N GLU A 45 12.88 15.50 -3.82
CA GLU A 45 13.56 16.74 -4.19
C GLU A 45 12.57 17.86 -4.49
N GLU A 46 12.96 19.08 -4.12
CA GLU A 46 12.11 20.25 -4.30
C GLU A 46 10.70 19.99 -3.77
N ARG A 47 10.64 19.55 -2.52
CA ARG A 47 9.40 19.00 -1.98
C ARG A 47 8.38 20.09 -1.71
N LYS A 48 7.12 19.68 -1.65
CA LYS A 48 6.05 20.50 -1.09
C LYS A 48 5.24 19.60 -0.16
N VAL A 49 5.17 19.98 1.12
CA VAL A 49 4.47 19.21 2.15
C VAL A 49 3.11 19.86 2.43
N ILE A 50 2.03 19.10 2.25
CA ILE A 50 0.66 19.60 2.39
C ILE A 50 -0.08 18.80 3.46
N PRO A 51 -0.34 19.36 4.65
CA PRO A 51 -1.08 18.61 5.67
C PRO A 51 -2.47 18.25 5.17
N TYR A 52 -2.85 16.98 5.41
CA TYR A 52 -4.20 16.55 5.06
C TYR A 52 -5.23 17.54 5.56
N ILE A 53 -5.04 18.07 6.78
CA ILE A 53 -6.07 18.88 7.41
C ILE A 53 -6.36 20.13 6.61
N ASN A 54 -5.39 20.57 5.77
CA ASN A 54 -5.54 21.75 4.94
C ASN A 54 -6.25 21.51 3.60
N ILE A 55 -6.43 20.26 3.17
CA ILE A 55 -6.89 19.94 1.82
C ILE A 55 -8.40 19.77 1.83
N PRO A 56 -9.15 20.48 0.99
CA PRO A 56 -10.62 20.33 0.99
C PRO A 56 -11.03 18.87 0.79
N ASN A 57 -11.96 18.42 1.65
CA ASN A 57 -12.59 17.09 1.63
C ASN A 57 -11.69 15.93 2.03
N PHE A 58 -10.46 16.16 2.48
CA PHE A 58 -9.67 15.03 2.97
C PHE A 58 -10.22 14.54 4.33
N PRO A 59 -10.08 13.24 4.63
CA PRO A 59 -10.68 12.69 5.85
C PRO A 59 -10.05 13.26 7.11
N LYS A 60 -10.87 13.41 8.16
CA LYS A 60 -10.36 13.87 9.44
C LYS A 60 -9.60 12.73 10.13
N THR A 61 -8.39 13.03 10.63
CA THR A 61 -7.50 12.01 11.20
C THR A 61 -7.03 12.38 12.61
N THR A 62 -7.67 13.37 13.25
CA THR A 62 -7.17 13.82 14.54
C THR A 62 -7.52 12.87 15.70
N VAL A 63 -8.44 11.93 15.53
CA VAL A 63 -8.69 10.99 16.64
C VAL A 63 -7.50 10.04 16.79
N ALA A 64 -6.99 9.52 15.66
CA ALA A 64 -5.80 8.66 15.73
C ALA A 64 -4.55 9.49 16.02
N GLY A 65 -4.50 10.71 15.50
CA GLY A 65 -3.31 11.53 15.62
C GLY A 65 -2.18 11.10 14.69
N HIS A 66 -0.97 11.52 15.08
CA HIS A 66 0.23 11.21 14.33
C HIS A 66 0.23 11.87 12.94
N VAL A 67 1.28 11.63 12.15
CA VAL A 67 1.52 12.42 10.94
C VAL A 67 0.46 12.12 9.87
N GLY A 68 0.16 13.15 9.08
CA GLY A 68 -0.75 13.00 7.94
C GLY A 68 -0.55 14.11 6.92
N ASN A 69 0.36 13.91 5.97
CA ASN A 69 0.69 14.88 4.94
C ASN A 69 0.67 14.22 3.55
N LEU A 70 0.36 15.02 2.53
CA LEU A 70 0.65 14.73 1.13
C LEU A 70 1.93 15.46 0.71
N VAL A 71 2.88 14.73 0.10
CA VAL A 71 4.18 15.29 -0.25
C VAL A 71 4.43 15.11 -1.75
N LEU A 72 4.69 16.22 -2.44
CA LEU A 72 4.94 16.22 -3.88
C LEU A 72 6.35 16.73 -4.20
N GLY A 73 6.95 16.16 -5.25
CA GLY A 73 8.27 16.59 -5.70
C GLY A 73 8.85 15.59 -6.68
N SER A 74 10.18 15.53 -6.76
CA SER A 74 10.87 14.68 -7.72
C SER A 74 11.76 13.63 -7.05
N VAL A 75 11.77 12.43 -7.63
CA VAL A 75 12.69 11.35 -7.28
C VAL A 75 13.24 10.79 -8.58
N GLY A 76 14.56 10.76 -8.71
CA GLY A 76 15.19 10.19 -9.90
C GLY A 76 14.75 10.84 -11.19
N GLY A 77 14.37 12.10 -11.16
CA GLY A 77 13.90 12.80 -12.35
C GLY A 77 12.42 12.60 -12.65
N ARG A 78 11.71 11.83 -11.87
CA ARG A 78 10.28 11.58 -12.07
C ARG A 78 9.44 12.37 -11.07
N LYS A 79 8.25 12.76 -11.50
CA LYS A 79 7.35 13.53 -10.65
C LYS A 79 6.47 12.58 -9.85
N ILE A 80 6.46 12.73 -8.51
CA ILE A 80 5.72 11.80 -7.68
C ILE A 80 4.87 12.54 -6.64
N VAL A 81 3.87 11.80 -6.11
CA VAL A 81 3.08 12.22 -4.95
C VAL A 81 3.01 11.07 -3.94
N ALA A 82 3.33 11.36 -2.67
CA ALA A 82 3.37 10.37 -1.60
C ALA A 82 2.34 10.68 -0.53
N MET A 83 1.74 9.64 0.05
CA MET A 83 0.94 9.78 1.28
C MET A 83 1.85 9.50 2.48
N GLN A 84 1.98 10.48 3.38
CA GLN A 84 2.80 10.37 4.58
C GLN A 84 1.87 10.26 5.79
N GLY A 85 1.63 9.03 6.25
CA GLY A 85 0.57 8.78 7.22
C GLY A 85 -0.62 8.09 6.59
N ARG A 86 -0.61 6.76 6.64
CA ARG A 86 -1.59 5.95 5.93
C ARG A 86 -2.91 5.89 6.69
N LEU A 87 -3.99 5.71 5.95
CA LEU A 87 -5.31 5.49 6.53
C LEU A 87 -5.59 3.99 6.47
N HIS A 88 -5.87 3.37 7.63
CA HIS A 88 -6.18 1.95 7.69
C HIS A 88 -7.62 1.71 8.12
N MET A 89 -8.29 0.70 7.53
CA MET A 89 -9.70 0.51 7.86
CA MET A 89 -9.70 0.47 7.86
C MET A 89 -9.90 0.04 9.31
N TYR A 90 -8.90 -0.60 9.92
CA TYR A 90 -9.08 -1.00 11.33
C TYR A 90 -9.14 0.19 12.28
N GLU A 91 -8.86 1.42 11.80
CA GLU A 91 -8.99 2.61 12.64
C GLU A 91 -10.42 3.12 12.69
N GLY A 92 -11.30 2.58 11.86
CA GLY A 92 -12.68 3.01 11.76
C GLY A 92 -12.99 3.93 10.60
N TYR A 93 -12.02 4.22 9.73
CA TYR A 93 -12.31 5.01 8.52
C TYR A 93 -13.31 4.29 7.62
N SER A 94 -14.15 5.06 6.93
CA SER A 94 -15.10 4.44 6.01
C SER A 94 -14.48 4.19 4.63
N ASN A 95 -15.21 3.38 3.84
CA ASN A 95 -14.91 3.18 2.41
C ASN A 95 -14.60 4.49 1.69
N GLN A 96 -15.45 5.50 1.90
CA GLN A 96 -15.32 6.78 1.21
C GLN A 96 -14.05 7.53 1.62
N GLU A 97 -13.64 7.41 2.89
CA GLU A 97 -12.44 8.11 3.35
C GLU A 97 -11.17 7.48 2.79
N ILE A 98 -11.12 6.14 2.70
CA ILE A 98 -9.96 5.47 2.13
C ILE A 98 -9.83 5.78 0.65
N ALA A 99 -10.97 5.83 -0.07
CA ALA A 99 -10.95 5.94 -1.53
C ALA A 99 -10.63 7.34 -2.00
N LEU A 100 -11.04 8.41 -1.30
CA LEU A 100 -10.86 9.75 -1.85
C LEU A 100 -9.42 10.10 -2.18
N PRO A 101 -8.42 9.88 -1.31
CA PRO A 101 -7.04 10.24 -1.71
C PRO A 101 -6.55 9.53 -2.97
N ILE A 102 -6.92 8.26 -3.18
CA ILE A 102 -6.54 7.54 -4.40
C ILE A 102 -7.20 8.15 -5.63
N ARG A 103 -8.48 8.49 -5.53
CA ARG A 103 -9.15 9.15 -6.66
C ARG A 103 -8.61 10.55 -6.93
N VAL A 104 -8.14 11.26 -5.91
CA VAL A 104 -7.45 12.54 -6.15
C VAL A 104 -6.16 12.30 -6.90
N MET A 105 -5.40 11.25 -6.53
CA MET A 105 -4.22 10.89 -7.31
C MET A 105 -4.56 10.71 -8.78
N LYS A 106 -5.64 9.99 -9.08
CA LYS A 106 -6.06 9.79 -10.46
C LYS A 106 -6.26 11.11 -11.18
N LEU A 107 -7.02 12.05 -10.58
CA LEU A 107 -7.29 13.33 -11.22
C LEU A 107 -6.01 14.16 -11.38
N LEU A 108 -5.02 13.97 -10.51
CA LEU A 108 -3.75 14.69 -10.62
C LEU A 108 -2.89 14.17 -11.76
N GLY A 109 -3.20 12.97 -12.26
CA GLY A 109 -2.47 12.39 -13.37
C GLY A 109 -1.71 11.11 -13.07
N VAL A 110 -1.89 10.50 -11.88
CA VAL A 110 -1.13 9.31 -11.52
C VAL A 110 -1.54 8.13 -12.41
N ARG A 111 -0.54 7.43 -12.95
CA ARG A 111 -0.73 6.23 -13.75
C ARG A 111 -0.21 4.94 -13.11
N VAL A 112 0.69 5.04 -12.13
CA VAL A 112 1.31 3.92 -11.42
C VAL A 112 1.36 4.22 -9.93
N LEU A 113 0.92 3.26 -9.10
CA LEU A 113 0.94 3.36 -7.64
C LEU A 113 1.85 2.27 -7.09
N LEU A 114 2.85 2.65 -6.28
CA LEU A 114 3.78 1.74 -5.62
C LEU A 114 3.46 1.70 -4.13
N ILE A 115 3.30 0.49 -3.58
CA ILE A 115 2.84 0.30 -2.20
C ILE A 115 3.75 -0.67 -1.44
N THR A 116 4.14 -0.31 -0.21
CA THR A 116 4.80 -1.26 0.70
C THR A 116 4.01 -1.46 1.98
N ASN A 117 4.16 -2.65 2.61
CA ASN A 117 3.55 -2.94 3.90
C ASN A 117 4.41 -3.94 4.68
N LEU A 118 4.07 -4.07 5.97
CA LEU A 118 4.57 -5.14 6.82
C LEU A 118 3.52 -6.26 6.96
N ALA A 119 3.99 -7.51 6.95
CA ALA A 119 3.07 -8.66 6.94
C ALA A 119 3.65 -9.85 7.67
N GLY A 120 2.78 -10.80 8.02
CA GLY A 120 3.21 -12.09 8.57
C GLY A 120 3.35 -13.16 7.49
N GLY A 121 4.37 -14.01 7.64
CA GLY A 121 4.61 -15.08 6.69
C GLY A 121 3.80 -16.33 7.03
N ILE A 122 3.14 -16.89 6.01
CA ILE A 122 2.44 -18.17 6.12
C ILE A 122 3.20 -19.30 5.40
N ASN A 123 3.57 -19.06 4.15
CA ASN A 123 4.35 -20.04 3.38
C ASN A 123 5.62 -20.42 4.13
N ARG A 124 5.92 -21.72 4.17
CA ARG A 124 7.06 -22.15 4.96
C ARG A 124 8.40 -21.69 4.39
N LYS A 125 8.44 -21.18 3.15
CA LYS A 125 9.70 -20.70 2.58
C LYS A 125 10.06 -19.28 3.02
N LEU A 126 9.18 -18.57 3.74
CA LEU A 126 9.38 -17.18 4.12
C LEU A 126 9.97 -17.03 5.53
N LYS A 127 10.97 -16.15 5.66
CA LYS A 127 11.68 -15.82 6.90
C LYS A 127 11.52 -14.33 7.18
N SER A 128 11.75 -13.97 8.44
CA SER A 128 11.83 -12.56 8.82
C SER A 128 12.91 -11.84 8.00
N GLY A 129 12.54 -10.68 7.45
CA GLY A 129 13.40 -9.88 6.59
C GLY A 129 13.28 -10.16 5.11
N ASP A 130 12.48 -11.14 4.70
CA ASP A 130 12.25 -11.41 3.27
C ASP A 130 11.25 -10.40 2.68
N PHE A 131 11.34 -10.21 1.36
CA PHE A 131 10.35 -9.43 0.61
C PHE A 131 9.46 -10.34 -0.24
N VAL A 132 8.17 -10.00 -0.37
CA VAL A 132 7.23 -10.73 -1.23
C VAL A 132 6.60 -9.76 -2.25
N LEU A 133 6.84 -10.01 -3.55
CA LEU A 133 6.11 -9.32 -4.61
C LEU A 133 4.70 -9.91 -4.66
N ILE A 134 3.67 -9.10 -4.42
CA ILE A 134 2.30 -9.61 -4.35
C ILE A 134 1.75 -9.84 -5.75
N LYS A 135 1.29 -11.07 -6.04
CA LYS A 135 0.77 -11.43 -7.35
C LYS A 135 -0.75 -11.63 -7.40
N GLY A 136 -1.44 -11.57 -6.24
CA GLY A 136 -2.88 -11.76 -6.15
C GLY A 136 -3.24 -11.72 -4.68
N HIS A 137 -4.56 -11.72 -4.39
CA HIS A 137 -5.00 -11.58 -3.00
C HIS A 137 -6.27 -12.39 -2.69
N ILE A 138 -6.47 -12.58 -1.39
CA ILE A 138 -7.71 -13.11 -0.83
C ILE A 138 -8.26 -12.06 0.15
N ASN A 139 -9.40 -11.49 -0.20
CA ASN A 139 -9.99 -10.30 0.45
C ASN A 139 -11.12 -10.74 1.39
N PHE A 140 -10.78 -11.10 2.62
CA PHE A 140 -11.82 -11.61 3.51
C PHE A 140 -12.88 -10.53 3.80
N PRO A 141 -12.53 -9.27 4.05
CA PRO A 141 -13.61 -8.26 4.18
C PRO A 141 -14.51 -8.19 2.95
N GLY A 142 -13.94 -8.30 1.76
CA GLY A 142 -14.74 -8.22 0.54
C GLY A 142 -15.71 -9.37 0.34
N LEU A 143 -15.28 -10.60 0.66
CA LEU A 143 -16.22 -11.71 0.63
C LEU A 143 -17.35 -11.52 1.63
N GLY A 144 -17.11 -10.80 2.74
CA GLY A 144 -18.08 -10.62 3.82
C GLY A 144 -18.86 -9.31 3.94
N LEU A 145 -19.03 -8.62 2.82
CA LEU A 145 -19.84 -7.39 2.63
C LEU A 145 -19.17 -6.12 3.16
N ASN A 146 -17.85 -6.13 3.40
CA ASN A 146 -17.08 -4.92 3.72
C ASN A 146 -16.05 -4.60 2.63
N ASN A 147 -16.33 -4.96 1.36
CA ASN A 147 -15.50 -4.50 0.23
C ASN A 147 -15.45 -2.97 0.20
N VAL A 148 -14.29 -2.41 -0.16
CA VAL A 148 -14.13 -0.95 -0.23
C VAL A 148 -15.05 -0.30 -1.28
N LEU A 149 -15.56 -1.06 -2.26
CA LEU A 149 -16.50 -0.51 -3.24
C LEU A 149 -17.99 -0.66 -2.87
N VAL A 150 -18.34 -1.21 -1.71
CA VAL A 150 -19.76 -1.29 -1.32
C VAL A 150 -20.31 0.11 -1.18
N GLY A 151 -21.44 0.39 -1.83
CA GLY A 151 -22.02 1.71 -1.91
C GLY A 151 -22.40 2.01 -3.35
N PRO A 152 -22.94 3.20 -3.62
CA PRO A 152 -23.17 3.61 -5.02
C PRO A 152 -21.88 3.58 -5.82
N ASN A 153 -21.99 3.24 -7.10
CA ASN A 153 -20.80 3.36 -7.96
C ASN A 153 -20.62 4.80 -8.43
N GLN A 154 -19.37 5.24 -8.44
CA GLN A 154 -18.97 6.53 -9.00
C GLN A 154 -18.49 6.28 -10.43
N ASP A 155 -19.43 6.45 -11.38
CA ASP A 155 -19.25 6.03 -12.77
C ASP A 155 -18.09 6.74 -13.46
N GLU A 156 -17.80 7.99 -13.09
CA GLU A 156 -16.70 8.72 -13.71
C GLU A 156 -15.35 8.08 -13.49
N PHE A 157 -15.20 7.29 -12.42
CA PHE A 157 -13.95 6.62 -12.11
C PHE A 157 -13.84 5.20 -12.66
N GLY A 158 -14.93 4.44 -12.72
CA GLY A 158 -14.84 3.06 -13.14
C GLY A 158 -16.17 2.35 -13.16
N PRO A 159 -16.14 1.05 -13.47
CA PRO A 159 -17.36 0.28 -13.67
C PRO A 159 -17.96 -0.26 -12.37
N ARG A 160 -19.26 -0.57 -12.44
CA ARG A 160 -19.98 -1.10 -11.28
C ARG A 160 -19.38 -2.42 -10.80
N PHE A 161 -18.99 -3.30 -11.74
CA PHE A 161 -18.47 -4.63 -11.40
C PHE A 161 -17.05 -4.84 -11.94
N PRO A 162 -16.01 -4.40 -11.23
CA PRO A 162 -14.63 -4.53 -11.75
C PRO A 162 -14.08 -5.95 -11.71
N ASP A 163 -13.19 -6.22 -12.68
CA ASP A 163 -12.39 -7.43 -12.72
C ASP A 163 -11.00 -7.17 -12.16
N LEU A 164 -10.59 -7.97 -11.17
CA LEU A 164 -9.33 -7.76 -10.46
C LEU A 164 -8.22 -8.70 -10.94
N SER A 165 -8.43 -9.44 -12.03
CA SER A 165 -7.44 -10.46 -12.40
C SER A 165 -6.09 -9.88 -12.82
N ASN A 166 -6.03 -8.61 -13.24
CA ASN A 166 -4.76 -7.99 -13.58
C ASN A 166 -4.45 -6.79 -12.68
N ALA A 167 -4.91 -6.86 -11.43
CA ALA A 167 -4.69 -5.76 -10.49
C ALA A 167 -3.21 -5.54 -10.19
N TYR A 168 -2.40 -6.62 -10.17
CA TYR A 168 -0.98 -6.54 -9.84
C TYR A 168 -0.19 -6.73 -11.13
N ASP A 169 0.32 -5.61 -11.67
CA ASP A 169 0.93 -5.58 -12.99
C ASP A 169 2.14 -6.52 -13.09
N ARG A 170 2.14 -7.40 -14.10
CA ARG A 170 3.20 -8.40 -14.20
C ARG A 170 4.55 -7.78 -14.61
N LEU A 171 4.55 -6.80 -15.52
CA LEU A 171 5.82 -6.20 -15.93
C LEU A 171 6.47 -5.40 -14.79
N LEU A 172 5.66 -4.80 -13.90
CA LEU A 172 6.23 -4.11 -12.75
C LEU A 172 6.90 -5.11 -11.81
N GLN A 173 6.27 -6.26 -11.59
CA GLN A 173 6.90 -7.31 -10.79
C GLN A 173 8.23 -7.74 -11.39
N GLN A 174 8.30 -7.88 -12.72
CA GLN A 174 9.53 -8.31 -13.38
C GLN A 174 10.64 -7.26 -13.24
N LEU A 175 10.28 -5.97 -13.28
CA LEU A 175 11.27 -4.91 -13.15
C LEU A 175 11.82 -4.87 -11.72
N ALA A 176 10.95 -5.05 -10.74
CA ALA A 176 11.41 -5.08 -9.36
C ALA A 176 12.38 -6.25 -9.14
N LEU A 177 12.07 -7.42 -9.69
CA LEU A 177 12.98 -8.56 -9.53
C LEU A 177 14.30 -8.32 -10.26
N LYS A 178 14.25 -7.72 -11.47
CA LYS A 178 15.46 -7.46 -12.24
C LYS A 178 16.44 -6.59 -11.45
N ILE A 179 15.92 -5.56 -10.79
CA ILE A 179 16.74 -4.65 -9.99
C ILE A 179 17.33 -5.37 -8.79
N ALA A 180 16.55 -6.24 -8.13
CA ALA A 180 17.13 -7.04 -7.04
C ALA A 180 18.30 -7.89 -7.53
N GLN A 181 18.18 -8.48 -8.72
CA GLN A 181 19.29 -9.28 -9.27
C GLN A 181 20.51 -8.41 -9.57
N GLU A 182 20.31 -7.21 -10.12
CA GLU A 182 21.44 -6.34 -10.42
C GLU A 182 22.25 -5.99 -9.18
N ASN A 183 21.60 -5.90 -8.02
CA ASN A 183 22.25 -5.55 -6.76
C ASN A 183 22.47 -6.77 -5.86
N ASP A 184 22.24 -7.97 -6.37
CA ASP A 184 22.57 -9.23 -5.69
C ASP A 184 21.84 -9.41 -4.35
N PHE A 185 20.58 -8.98 -4.25
CA PHE A 185 19.76 -9.37 -3.09
C PHE A 185 18.50 -10.13 -3.51
N GLN A 186 18.58 -10.80 -4.67
CA GLN A 186 17.43 -11.58 -5.16
C GLN A 186 17.12 -12.78 -4.28
N ASP A 187 18.08 -13.24 -3.46
CA ASP A 187 17.80 -14.32 -2.53
C ASP A 187 16.77 -13.94 -1.48
N LEU A 188 16.52 -12.64 -1.31
CA LEU A 188 15.51 -12.18 -0.36
C LEU A 188 14.13 -12.04 -0.97
N VAL A 189 13.99 -12.14 -2.29
CA VAL A 189 12.76 -11.76 -2.99
C VAL A 189 11.97 -12.99 -3.43
N HIS A 190 10.71 -13.07 -2.99
CA HIS A 190 9.74 -14.11 -3.33
C HIS A 190 8.53 -13.49 -4.02
N GLU A 191 7.61 -14.36 -4.47
CA GLU A 191 6.29 -13.91 -4.92
C GLU A 191 5.22 -14.67 -4.16
N GLY A 192 4.02 -14.07 -4.05
CA GLY A 192 3.00 -14.74 -3.27
C GLY A 192 1.63 -14.08 -3.27
N VAL A 193 0.68 -14.82 -2.71
CA VAL A 193 -0.72 -14.38 -2.55
C VAL A 193 -0.90 -13.75 -1.16
N TYR A 194 -1.47 -12.54 -1.11
CA TYR A 194 -1.69 -11.78 0.14
C TYR A 194 -3.12 -11.94 0.65
N ALA A 195 -3.26 -12.39 1.90
CA ALA A 195 -4.55 -12.40 2.59
C ALA A 195 -4.73 -11.11 3.39
N PHE A 196 -5.89 -10.45 3.20
CA PHE A 196 -6.26 -9.24 3.95
C PHE A 196 -7.11 -9.66 5.15
N ASN A 197 -6.52 -9.51 6.36
CA ASN A 197 -7.11 -9.65 7.71
C ASN A 197 -7.48 -8.23 8.13
N GLY A 198 -8.74 -7.96 8.35
CA GLY A 198 -9.14 -6.58 8.65
C GLY A 198 -8.38 -5.97 9.82
N GLY A 199 -8.06 -6.78 10.83
CA GLY A 199 -7.31 -6.27 11.99
C GLY A 199 -8.20 -5.65 13.06
N PRO A 200 -7.59 -5.09 14.11
CA PRO A 200 -6.16 -4.83 14.36
C PRO A 200 -5.43 -5.91 15.17
N THR A 201 -6.08 -6.99 15.59
CA THR A 201 -5.37 -8.09 16.24
C THR A 201 -4.53 -8.87 15.22
N TYR A 202 -3.31 -9.25 15.63
CA TYR A 202 -2.53 -10.18 14.81
C TYR A 202 -3.34 -11.47 14.70
N GLU A 203 -3.28 -12.13 13.55
CA GLU A 203 -4.06 -13.36 13.43
C GLU A 203 -3.63 -14.38 14.49
N SER A 204 -4.63 -15.11 15.02
CA SER A 204 -4.38 -16.10 16.04
C SER A 204 -3.64 -17.30 15.46
N PRO A 205 -3.03 -18.11 16.32
CA PRO A 205 -2.36 -19.31 15.82
C PRO A 205 -3.25 -20.20 14.97
N ASP A 206 -4.50 -20.39 15.38
CA ASP A 206 -5.39 -21.25 14.61
C ASP A 206 -5.90 -20.57 13.34
N GLU A 207 -6.03 -19.24 13.33
CA GLU A 207 -6.30 -18.55 12.07
C GLU A 207 -5.13 -18.72 11.10
N SER A 208 -3.88 -18.66 11.59
CA SER A 208 -2.74 -18.85 10.69
C SER A 208 -2.75 -20.25 10.07
N ASN A 209 -3.03 -21.27 10.88
CA ASN A 209 -3.10 -22.64 10.36
C ASN A 209 -4.19 -22.78 9.30
N MET A 210 -5.31 -22.09 9.49
CA MET A 210 -6.36 -22.09 8.48
C MET A 210 -5.88 -21.45 7.19
N LEU A 211 -5.16 -20.32 7.27
CA LEU A 211 -4.70 -19.64 6.07
C LEU A 211 -3.70 -20.49 5.27
N LEU A 212 -2.91 -21.32 5.96
CA LEU A 212 -2.01 -22.22 5.27
C LEU A 212 -2.79 -23.23 4.44
N LYS A 213 -3.89 -23.76 4.99
CA LYS A 213 -4.74 -24.70 4.26
C LYS A 213 -5.39 -24.06 3.02
N LEU A 214 -5.63 -22.75 3.06
CA LEU A 214 -6.38 -22.06 2.01
C LEU A 214 -5.50 -21.46 0.91
N GLY A 215 -4.20 -21.71 0.94
CA GLY A 215 -3.29 -21.26 -0.10
C GLY A 215 -2.80 -19.83 0.05
N CYS A 216 -2.85 -19.26 1.23
CA CYS A 216 -2.31 -17.92 1.44
C CYS A 216 -0.81 -18.01 1.73
N ASP A 217 -0.05 -17.07 1.16
CA ASP A 217 1.39 -17.01 1.41
C ASP A 217 1.77 -16.01 2.49
N VAL A 218 1.07 -14.89 2.60
CA VAL A 218 1.34 -13.84 3.58
C VAL A 218 -0.01 -13.30 4.06
N VAL A 219 -0.02 -12.69 5.24
CA VAL A 219 -1.22 -12.06 5.80
C VAL A 219 -0.88 -10.66 6.34
N GLY A 220 -1.79 -9.70 6.08
CA GLY A 220 -1.66 -8.38 6.69
C GLY A 220 -2.96 -7.61 6.74
N MET A 221 -2.88 -6.38 7.27
CA MET A 221 -4.05 -5.56 7.62
C MET A 221 -4.23 -4.31 6.75
N SER A 222 -3.67 -4.27 5.55
CA SER A 222 -3.68 -3.05 4.73
C SER A 222 -3.70 -3.44 3.25
N THR A 223 -3.48 -2.41 2.40
CA THR A 223 -3.11 -2.53 0.99
C THR A 223 -4.24 -2.93 0.05
N VAL A 224 -5.00 -4.00 0.34
CA VAL A 224 -6.04 -4.46 -0.59
C VAL A 224 -7.08 -3.38 -0.88
N PRO A 225 -7.57 -2.58 0.10
CA PRO A 225 -8.53 -1.51 -0.26
C PRO A 225 -7.98 -0.52 -1.27
N GLU A 226 -6.74 -0.09 -1.10
CA GLU A 226 -6.13 0.85 -2.06
C GLU A 226 -5.93 0.22 -3.43
N VAL A 227 -5.50 -1.06 -3.47
CA VAL A 227 -5.34 -1.75 -4.74
C VAL A 227 -6.65 -1.77 -5.51
N ILE A 228 -7.77 -2.06 -4.82
CA ILE A 228 -9.06 -2.19 -5.50
C ILE A 228 -9.52 -0.83 -6.04
N ILE A 229 -9.37 0.25 -5.27
CA ILE A 229 -9.73 1.59 -5.79
C ILE A 229 -8.86 1.97 -6.99
N ALA A 230 -7.56 1.69 -6.92
CA ALA A 230 -6.67 1.95 -8.04
C ALA A 230 -7.05 1.15 -9.29
N CYS A 231 -7.29 -0.17 -9.14
CA CYS A 231 -7.68 -0.99 -10.29
C CYS A 231 -8.98 -0.50 -10.92
N HIS A 232 -9.95 -0.14 -10.07
CA HIS A 232 -11.25 0.36 -10.54
C HIS A 232 -11.10 1.55 -11.50
N CYS A 233 -10.15 2.46 -11.22
CA CYS A 233 -9.99 3.66 -12.05
C CYS A 233 -8.77 3.59 -12.99
N GLY A 234 -8.22 2.39 -13.21
CA GLY A 234 -7.19 2.19 -14.23
C GLY A 234 -5.75 2.58 -13.88
N ILE A 235 -5.38 2.61 -12.60
CA ILE A 235 -4.00 2.85 -12.16
C ILE A 235 -3.29 1.48 -11.97
N LYS A 236 -2.10 1.32 -12.56
CA LYS A 236 -1.29 0.10 -12.40
C LYS A 236 -0.67 0.08 -11.00
N VAL A 237 -0.50 -1.13 -10.44
CA VAL A 237 -0.05 -1.29 -9.05
C VAL A 237 1.14 -2.26 -8.97
N LEU A 238 2.14 -1.91 -8.13
CA LEU A 238 3.15 -2.83 -7.60
C LEU A 238 3.04 -2.77 -6.08
N ALA A 239 2.86 -3.93 -5.43
CA ALA A 239 2.75 -4.02 -3.98
C ALA A 239 3.76 -5.02 -3.44
N VAL A 240 4.53 -4.62 -2.42
CA VAL A 240 5.60 -5.44 -1.82
C VAL A 240 5.38 -5.54 -0.31
N SER A 241 5.38 -6.77 0.21
CA SER A 241 5.33 -7.00 1.66
C SER A 241 6.74 -7.26 2.21
N LEU A 242 7.07 -6.64 3.35
CA LEU A 242 8.22 -6.99 4.17
C LEU A 242 7.75 -7.94 5.29
N ILE A 243 8.36 -9.11 5.36
CA ILE A 243 7.93 -10.18 6.27
C ILE A 243 8.51 -9.98 7.68
N ALA A 244 7.64 -9.86 8.69
CA ALA A 244 8.10 -9.62 10.05
C ALA A 244 8.48 -10.92 10.78
N ASN A 245 7.85 -12.04 10.41
CA ASN A 245 7.94 -13.29 11.15
C ASN A 245 7.31 -14.37 10.29
N ASN A 246 7.47 -15.63 10.71
CA ASN A 246 6.67 -16.71 10.13
C ASN A 246 5.66 -17.18 11.19
N SER A 247 4.37 -16.89 10.95
CA SER A 247 3.35 -17.16 11.94
C SER A 247 3.12 -18.66 12.15
N ILE A 248 3.40 -19.48 11.14
CA ILE A 248 3.22 -20.92 11.29
C ILE A 248 4.31 -21.49 12.19
N LEU A 249 5.57 -21.10 11.98
CA LEU A 249 6.63 -21.53 12.90
C LEU A 249 6.35 -21.05 14.32
N ASP A 250 5.93 -19.80 14.45
CA ASP A 250 5.64 -19.27 15.77
C ASP A 250 4.54 -20.07 16.47
N ALA A 251 3.54 -20.53 15.71
CA ALA A 251 2.47 -21.33 16.35
C ALA A 251 2.98 -22.68 16.82
N GLU A 252 3.80 -23.35 16.00
CA GLU A 252 4.42 -24.61 16.40
C GLU A 252 5.29 -24.48 17.66
N ASN A 253 5.97 -23.34 17.83
CA ASN A 253 6.92 -23.14 18.92
C ASN A 253 6.35 -22.32 20.09
N ASP A 254 5.06 -21.95 20.05
CA ASP A 254 4.41 -21.08 21.02
C ASP A 254 5.20 -19.80 21.32
N VAL A 255 5.59 -19.10 20.26
CA VAL A 255 6.28 -17.81 20.29
C VAL A 255 5.32 -16.72 19.82
N SER A 256 5.43 -15.53 20.41
CA SER A 256 4.49 -14.44 20.10
C SER A 256 5.13 -13.37 19.22
N ILE A 257 4.29 -12.67 18.46
CA ILE A 257 4.71 -11.48 17.72
C ILE A 257 4.19 -10.26 18.48
N ASN A 258 4.81 -9.10 18.22
CA ASN A 258 4.34 -7.85 18.80
C ASN A 258 4.84 -6.69 17.95
N HIS A 259 4.25 -5.50 18.18
CA HIS A 259 4.56 -4.38 17.30
C HIS A 259 6.03 -3.96 17.44
N GLU A 260 6.61 -4.16 18.62
CA GLU A 260 8.03 -3.82 18.81
C GLU A 260 8.91 -4.68 17.92
N LYS A 261 8.67 -5.99 17.89
CA LYS A 261 9.44 -6.86 17.02
C LYS A 261 9.25 -6.50 15.55
N VAL A 262 8.04 -6.08 15.17
CA VAL A 262 7.78 -5.72 13.78
C VAL A 262 8.60 -4.51 13.37
N LEU A 263 8.60 -3.46 14.21
CA LEU A 263 9.32 -2.23 13.84
C LEU A 263 10.82 -2.45 13.78
N ALA A 264 11.33 -3.40 14.56
CA ALA A 264 12.76 -3.72 14.48
C ALA A 264 13.14 -4.36 13.15
N VAL A 265 12.26 -5.18 12.58
CA VAL A 265 12.48 -5.71 11.23
C VAL A 265 12.42 -4.59 10.20
N ALA A 266 11.48 -3.65 10.36
CA ALA A 266 11.42 -2.49 9.46
C ALA A 266 12.74 -1.74 9.45
N GLU A 267 13.31 -1.51 10.62
CA GLU A 267 14.57 -0.75 10.67
C GLU A 267 15.71 -1.52 10.03
N LYS A 268 15.68 -2.85 10.13
CA LYS A 268 16.76 -3.66 9.56
C LYS A 268 16.77 -3.58 8.03
N ARG A 269 15.61 -3.43 7.40
CA ARG A 269 15.49 -3.43 5.94
C ARG A 269 15.17 -2.06 5.34
N ALA A 270 15.04 -1.00 6.14
CA ALA A 270 14.55 0.28 5.64
C ALA A 270 15.45 0.84 4.54
N ASP A 271 16.77 0.82 4.74
CA ASP A 271 17.67 1.48 3.80
C ASP A 271 17.74 0.74 2.46
N LEU A 272 17.70 -0.60 2.48
CA LEU A 272 17.69 -1.36 1.23
C LEU A 272 16.38 -1.17 0.47
N LEU A 273 15.27 -1.13 1.17
CA LEU A 273 13.98 -0.90 0.52
C LEU A 273 13.93 0.50 -0.09
N GLN A 274 14.49 1.50 0.60
CA GLN A 274 14.59 2.85 0.07
C GLN A 274 15.39 2.85 -1.24
N MET A 275 16.54 2.19 -1.25
CA MET A 275 17.37 2.17 -2.46
C MET A 275 16.64 1.45 -3.59
N TRP A 276 15.99 0.32 -3.27
CA TRP A 276 15.25 -0.45 -4.27
C TRP A 276 14.16 0.39 -4.94
N PHE A 277 13.32 1.05 -4.15
CA PHE A 277 12.18 1.76 -4.71
C PHE A 277 12.62 3.01 -5.46
N LYS A 278 13.74 3.64 -5.04
CA LYS A 278 14.25 4.78 -5.80
C LYS A 278 14.64 4.34 -7.20
N GLU A 279 15.25 3.15 -7.32
CA GLU A 279 15.65 2.68 -8.65
C GLU A 279 14.43 2.24 -9.48
N ILE A 280 13.42 1.65 -8.83
CA ILE A 280 12.20 1.27 -9.54
C ILE A 280 11.54 2.52 -10.15
N ILE A 281 11.43 3.58 -9.33
CA ILE A 281 10.85 4.84 -9.79
C ILE A 281 11.61 5.38 -10.99
N THR A 282 12.94 5.38 -10.89
CA THR A 282 13.79 5.87 -11.98
C THR A 282 13.58 5.08 -13.27
N ARG A 283 13.35 3.76 -13.16
CA ARG A 283 13.33 2.86 -14.31
C ARG A 283 11.93 2.61 -14.89
N LEU A 284 10.86 3.06 -14.23
CA LEU A 284 9.51 2.77 -14.72
C LEU A 284 9.36 3.20 -16.17
N PRO A 285 8.72 2.38 -17.03
CA PRO A 285 8.61 2.71 -18.46
C PRO A 285 8.13 4.14 -18.73
S DMS B . -16.61 3.50 -3.30
O DMS B . -17.14 4.69 -4.06
C1 DMS B . -15.42 4.10 -2.07
C2 DMS B . -17.92 3.03 -2.16
H11 DMS B . -15.11 3.29 -1.47
H12 DMS B . -15.88 4.83 -1.46
H13 DMS B . -14.60 4.52 -2.57
H21 DMS B . -17.58 2.25 -1.53
H22 DMS B . -18.21 3.86 -1.57
H23 DMS B . -18.77 2.70 -2.72
S DMS C . -11.28 -2.97 -13.84
O DMS C . -12.51 -3.72 -14.27
C1 DMS C . -9.93 -3.68 -14.82
C2 DMS C . -11.41 -1.27 -14.51
H11 DMS C . -9.80 -4.69 -14.55
H12 DMS C . -9.05 -3.13 -14.65
H13 DMS C . -10.19 -3.62 -15.85
H21 DMS C . -11.54 -1.31 -15.55
H22 DMS C . -10.51 -0.74 -14.29
H23 DMS C . -12.22 -0.78 -14.05
S DMS D . 1.67 -3.42 12.05
O DMS D . 0.35 -4.15 11.86
C1 DMS D . 2.63 -4.36 13.22
C2 DMS D . 2.59 -3.47 10.49
H11 DMS D . 2.16 -4.35 14.16
H12 DMS D . 3.59 -3.93 13.31
H13 DMS D . 2.73 -5.35 12.88
H21 DMS D . 2.06 -2.93 9.76
H22 DMS D . 2.68 -4.48 10.17
H23 DMS D . 3.54 -3.05 10.64
S DMS E . -10.91 9.90 -14.25
O DMS E . -10.73 10.08 -15.72
C1 DMS E . -12.44 10.71 -13.72
C2 DMS E . -11.28 8.16 -13.93
H11 DMS E . -13.25 10.34 -14.30
H12 DMS E . -12.35 11.76 -13.87
H13 DMS E . -12.61 10.52 -12.71
H21 DMS E . -10.45 7.56 -14.19
H22 DMS E . -12.12 7.86 -14.50
H23 DMS E . -11.50 8.02 -12.90
S DMS F . -12.96 7.93 13.38
O DMS F . -12.74 7.89 11.92
C1 DMS F . -13.90 6.46 13.87
C2 DMS F . -11.42 7.45 14.18
H11 DMS F . -14.88 6.51 13.43
H12 DMS F . -14.00 6.44 14.92
H13 DMS F . -13.41 5.59 13.53
H21 DMS F . -11.56 7.38 15.22
H22 DMS F . -10.68 8.17 13.96
H23 DMS F . -11.10 6.51 13.79
C7 DS7 G . 3.08 -10.11 11.69
C4 DS7 G . -1.95 -9.68 10.33
C5 DS7 G . 0.57 -10.30 11.14
C6 DS7 G . 0.48 -11.70 11.70
C3 DS7 G . -0.42 -9.45 10.56
C2 DS7 G . 0.24 -8.23 10.25
C1 DS7 G . 1.61 -8.35 10.63
O DS7 G . -2.62 -10.56 10.87
O1 DS7 G . -2.61 -8.91 9.61
N DS7 G . 1.80 -9.62 11.19
C DS7 G . 2.72 -7.32 10.48
H9 DS7 G . 3.59 -9.39 12.06
H10 DS7 G . 3.58 -10.51 10.96
H8 DS7 G . 2.92 -10.79 12.37
H5 DS7 G . 1.34 -11.96 12.08
H6 DS7 G . 0.26 -12.32 10.98
H7 DS7 G . -0.20 -11.74 12.39
H3 DS7 G . -0.15 -7.48 9.87
H DS7 G . 3.53 -7.67 10.89
H2 DS7 G . 2.46 -6.50 10.92
H1 DS7 G . 2.89 -7.15 9.55
#